data_5ZTP
#
_entry.id   5ZTP
#
_cell.length_a   82.058
_cell.length_b   82.058
_cell.length_c   99.280
_cell.angle_alpha   90.000
_cell.angle_beta   90.000
_cell.angle_gamma   120.000
#
_symmetry.space_group_name_H-M   'P 31 2 1'
#
loop_
_entity.id
_entity.type
_entity.pdbx_description
1 polymer 'carbonic anhydrase'
2 non-polymer 'SULFATE ION'
3 water water
#
_entity_poly.entity_id   1
_entity_poly.type   'polypeptide(L)'
_entity_poly.pdbx_seq_one_letter_code
;MSYAEQSLPAANEAYVAAFGDKGSLPLPPGKRVAIVGCMDARLDTFGATGLHEGDAHHIRNAGGRASDALRSLVISQELL
GTREVIVIHHTDCGMLTFRSDQLHGLVKKRVAHEHFAAVDSLACLEFPDVDESIKEDVAFLKNHPLILPETVISGYRYEV
ETGKLVKIA
;
_entity_poly.pdbx_strand_id   A,B
#
loop_
_chem_comp.id
_chem_comp.type
_chem_comp.name
_chem_comp.formula
SO4 non-polymer 'SULFATE ION' 'O4 S -2'
#
# COMPACT_ATOMS: atom_id res chain seq x y z
N MET A 1 16.01 -5.57 -19.13
CA MET A 1 16.67 -4.95 -17.92
C MET A 1 15.63 -4.66 -16.80
N SER A 2 14.75 -3.68 -17.02
CA SER A 2 13.78 -3.27 -16.00
C SER A 2 12.58 -2.62 -16.61
N TYR A 3 11.47 -2.62 -15.89
CA TYR A 3 10.28 -1.92 -16.34
C TYR A 3 10.55 -0.41 -16.27
N ALA A 4 11.37 -0.03 -15.29
CA ALA A 4 11.65 1.38 -15.00
C ALA A 4 12.35 2.06 -16.16
N GLU A 5 13.36 1.39 -16.71
CA GLU A 5 14.13 1.91 -17.85
C GLU A 5 13.31 1.77 -19.14
N GLN A 6 12.81 0.57 -19.44
CA GLN A 6 12.22 0.27 -20.75
C GLN A 6 10.79 0.82 -20.98
N SER A 7 9.84 0.55 -20.09
CA SER A 7 8.45 0.93 -20.35
C SER A 7 7.93 2.20 -19.65
N LEU A 8 8.53 2.61 -18.54
CA LEU A 8 7.94 3.66 -17.67
C LEU A 8 8.00 5.07 -18.26
N PRO A 9 9.09 5.39 -18.97
CA PRO A 9 9.23 6.77 -19.41
C PRO A 9 8.12 7.23 -20.33
N ALA A 10 7.70 6.38 -21.25
CA ALA A 10 6.61 6.73 -22.16
C ALA A 10 5.26 6.65 -21.49
N ALA A 11 5.13 5.71 -20.57
CA ALA A 11 3.84 5.45 -19.89
C ALA A 11 3.44 6.60 -19.03
N ASN A 12 4.44 7.23 -18.41
CA ASN A 12 4.20 8.40 -17.59
C ASN A 12 3.98 9.61 -18.49
N GLU A 13 4.82 9.75 -19.54
CA GLU A 13 4.58 10.77 -20.56
C GLU A 13 3.10 10.79 -20.92
N ALA A 14 2.55 9.63 -21.21
CA ALA A 14 1.12 9.56 -21.53
C ALA A 14 0.25 10.04 -20.36
N TYR A 15 0.52 9.54 -19.15
CA TYR A 15 -0.25 9.91 -17.97
C TYR A 15 -0.22 11.42 -17.74
N VAL A 16 0.94 12.02 -18.00
CA VAL A 16 1.14 13.44 -17.90
C VAL A 16 0.38 14.17 -18.99
N ALA A 17 0.49 13.69 -20.23
CA ALA A 17 -0.24 14.27 -21.35
C ALA A 17 -1.77 14.23 -21.05
N ALA A 18 -2.25 13.16 -20.41
CA ALA A 18 -3.67 13.06 -19.98
C ALA A 18 -3.99 13.78 -18.63
N PHE A 19 -2.97 14.38 -18.00
CA PHE A 19 -3.10 14.84 -16.60
C PHE A 19 -4.13 15.92 -16.27
N GLY A 20 -4.64 16.64 -17.27
CA GLY A 20 -5.72 17.63 -17.07
C GLY A 20 -5.58 18.51 -15.85
N ASP A 21 -6.64 18.59 -15.04
CA ASP A 21 -6.64 19.49 -13.87
C ASP A 21 -6.15 18.90 -12.57
N LYS A 22 -5.66 17.67 -12.62
CA LYS A 22 -5.25 16.98 -11.40
C LYS A 22 -4.07 17.65 -10.74
N GLY A 23 -3.40 18.54 -11.47
CA GLY A 23 -2.25 19.23 -10.93
C GLY A 23 -2.45 19.94 -9.60
N SER A 24 -3.69 20.23 -9.23
CA SER A 24 -3.97 21.17 -8.15
C SER A 24 -4.88 20.54 -7.10
N LEU A 25 -4.85 19.22 -7.03
CA LEU A 25 -5.55 18.55 -5.97
C LEU A 25 -4.66 18.67 -4.74
N PRO A 26 -5.25 19.02 -3.61
CA PRO A 26 -4.44 19.13 -2.43
C PRO A 26 -4.29 17.84 -1.62
N LEU A 27 -3.60 17.94 -0.50
CA LEU A 27 -3.22 16.80 0.33
C LEU A 27 -4.36 15.98 0.98
N PRO A 28 -5.27 16.61 1.76
CA PRO A 28 -6.21 15.77 2.49
C PRO A 28 -7.17 15.11 1.53
N PRO A 29 -7.41 13.78 1.66
CA PRO A 29 -8.28 13.09 0.70
C PRO A 29 -9.73 13.60 0.69
N GLY A 30 -10.26 13.87 -0.51
CA GLY A 30 -11.61 14.37 -0.68
C GLY A 30 -12.77 13.58 -0.08
N LYS A 31 -12.75 12.25 -0.22
CA LYS A 31 -13.83 11.41 0.33
C LYS A 31 -13.58 10.93 1.75
N ARG A 32 -12.45 11.35 2.33
CA ARG A 32 -12.15 11.04 3.71
C ARG A 32 -12.10 9.53 3.93
N VAL A 33 -11.47 8.83 2.99
CA VAL A 33 -11.48 7.38 2.96
C VAL A 33 -10.06 6.88 2.93
N ALA A 34 -9.83 5.80 3.69
CA ALA A 34 -8.58 5.09 3.62
C ALA A 34 -8.88 3.70 3.17
N ILE A 35 -8.32 3.31 2.03
CA ILE A 35 -8.46 1.93 1.54
C ILE A 35 -7.35 1.09 2.18
N VAL A 36 -7.70 -0.08 2.70
CA VAL A 36 -6.68 -0.99 3.16
C VAL A 36 -6.79 -2.27 2.37
N GLY A 37 -5.90 -2.46 1.40
CA GLY A 37 -6.02 -3.56 0.45
C GLY A 37 -4.77 -4.39 0.36
N CYS A 38 -4.94 -5.64 0.00
CA CYS A 38 -3.78 -6.42 -0.29
C CYS A 38 -3.00 -5.85 -1.46
N MET A 39 -1.72 -6.18 -1.54
CA MET A 39 -0.83 -5.69 -2.61
C MET A 39 -0.94 -6.44 -3.94
N ASP A 40 -1.88 -7.38 -4.03
CA ASP A 40 -2.01 -8.27 -5.20
C ASP A 40 -2.10 -7.48 -6.47
N ALA A 41 -1.32 -7.92 -7.47
CA ALA A 41 -1.11 -7.18 -8.70
C ALA A 41 -2.36 -6.97 -9.48
N ARG A 42 -3.35 -7.86 -9.28
CA ARG A 42 -4.59 -7.85 -10.04
C ARG A 42 -5.63 -6.89 -9.51
N LEU A 43 -5.35 -6.18 -8.43
CA LEU A 43 -6.31 -5.28 -7.79
C LEU A 43 -5.87 -3.85 -7.95
N ASP A 44 -6.75 -3.03 -8.50
CA ASP A 44 -6.51 -1.62 -8.57
C ASP A 44 -7.53 -1.00 -7.72
N THR A 45 -7.09 -0.48 -6.60
CA THR A 45 -7.93 0.15 -5.61
C THR A 45 -8.49 1.51 -6.04
N PHE A 46 -8.06 2.00 -7.21
CA PHE A 46 -8.74 3.13 -7.83
C PHE A 46 -9.98 2.64 -8.58
N GLY A 47 -9.73 2.05 -9.74
CA GLY A 47 -10.76 1.59 -10.64
C GLY A 47 -11.72 0.58 -10.09
N ALA A 48 -11.23 -0.41 -9.34
CA ALA A 48 -12.13 -1.42 -8.74
C ALA A 48 -13.21 -0.77 -7.89
N THR A 49 -12.92 0.44 -7.41
CA THR A 49 -13.85 1.12 -6.53
C THR A 49 -14.18 2.61 -6.82
N GLY A 50 -14.05 3.05 -8.06
CA GLY A 50 -14.57 4.36 -8.45
C GLY A 50 -13.84 5.56 -7.86
N LEU A 51 -12.70 5.28 -7.25
CA LEU A 51 -11.94 6.30 -6.60
C LEU A 51 -10.92 6.81 -7.59
N HIS A 52 -10.83 8.15 -7.67
CA HIS A 52 -9.92 8.85 -8.59
C HIS A 52 -8.95 9.68 -7.79
N GLU A 53 -8.01 10.26 -8.50
CA GLU A 53 -6.97 11.02 -7.89
C GLU A 53 -7.54 12.02 -6.88
N GLY A 54 -7.04 11.94 -5.64
CA GLY A 54 -7.35 12.88 -4.57
C GLY A 54 -8.46 12.40 -3.64
N ASP A 55 -9.14 11.32 -3.99
CA ASP A 55 -10.34 10.91 -3.24
C ASP A 55 -10.02 10.21 -1.92
N ALA A 56 -9.07 9.28 -1.94
CA ALA A 56 -8.86 8.38 -0.80
C ALA A 56 -7.41 8.00 -0.64
N HIS A 57 -7.06 7.59 0.56
CA HIS A 57 -5.75 7.05 0.80
C HIS A 57 -5.73 5.59 0.44
N HIS A 58 -4.61 5.18 -0.18
CA HIS A 58 -4.42 3.81 -0.58
C HIS A 58 -3.27 3.14 0.16
N ILE A 59 -3.63 2.41 1.20
CA ILE A 59 -2.68 1.66 2.01
C ILE A 59 -2.69 0.17 1.61
N ARG A 60 -1.56 -0.33 1.15
CA ARG A 60 -1.50 -1.68 0.60
C ARG A 60 -0.25 -2.42 1.08
N ASN A 61 -0.45 -3.67 1.51
CA ASN A 61 0.62 -4.51 2.00
C ASN A 61 0.24 -5.95 1.73
N ALA A 62 1.22 -6.84 1.90
CA ALA A 62 1.02 -8.29 1.70
C ALA A 62 -0.15 -8.74 2.53
N GLY A 63 -1.20 -9.23 1.89
CA GLY A 63 -2.39 -9.67 2.58
C GLY A 63 -3.46 -8.61 2.74
N GLY A 64 -3.07 -7.34 2.77
CA GLY A 64 -4.02 -6.29 3.03
C GLY A 64 -4.34 -6.21 4.50
N ARG A 65 -3.35 -6.41 5.34
CA ARG A 65 -3.58 -6.59 6.77
C ARG A 65 -3.59 -5.28 7.52
N ALA A 66 -4.64 -5.14 8.35
CA ALA A 66 -4.89 -3.96 9.17
C ALA A 66 -3.75 -3.63 10.10
N SER A 67 -3.23 -4.64 10.82
CA SER A 67 -2.19 -4.39 11.85
C SER A 67 -1.04 -3.69 11.22
N ASP A 68 -0.65 -4.17 10.04
CA ASP A 68 0.47 -3.63 9.28
C ASP A 68 0.22 -2.23 8.79
N ALA A 69 -1.04 -1.97 8.45
CA ALA A 69 -1.56 -0.73 7.93
C ALA A 69 -1.86 0.30 9.02
N LEU A 70 -1.77 -0.10 10.27
CA LEU A 70 -2.20 0.76 11.35
C LEU A 70 -1.44 2.10 11.47
N ARG A 71 -0.14 2.06 11.28
CA ARG A 71 0.66 3.28 11.37
C ARG A 71 0.22 4.29 10.29
N SER A 72 -0.05 3.76 9.09
CA SER A 72 -0.46 4.60 7.99
C SER A 72 -1.83 5.17 8.28
N LEU A 73 -2.65 4.37 8.96
CA LEU A 73 -4.03 4.75 9.27
C LEU A 73 -4.08 5.87 10.30
N VAL A 74 -3.26 5.70 11.33
CA VAL A 74 -3.20 6.71 12.35
C VAL A 74 -2.83 8.03 11.70
N ILE A 75 -1.86 8.03 10.81
CA ILE A 75 -1.50 9.25 10.11
C ILE A 75 -2.63 9.76 9.20
N SER A 76 -3.23 8.88 8.42
CA SER A 76 -4.36 9.28 7.56
C SER A 76 -5.48 9.96 8.36
N GLN A 77 -5.87 9.37 9.49
CA GLN A 77 -6.92 9.94 10.34
C GLN A 77 -6.56 11.24 11.06
N GLU A 78 -5.50 11.19 11.86
CA GLU A 78 -5.18 12.25 12.85
C GLU A 78 -4.55 13.47 12.19
N LEU A 79 -3.90 13.24 11.06
CA LEU A 79 -3.27 14.30 10.30
C LEU A 79 -4.08 14.75 9.09
N LEU A 80 -4.77 13.84 8.41
CA LEU A 80 -5.46 14.17 7.17
C LEU A 80 -6.96 13.79 7.25
N GLY A 81 -7.67 13.68 6.10
CA GLY A 81 -9.06 13.08 6.08
C GLY A 81 -9.65 12.76 7.46
N THR A 82 -9.87 11.51 7.87
CA THR A 82 -10.39 10.40 7.10
C THR A 82 -11.19 9.71 8.21
N ARG A 83 -12.46 9.52 7.99
CA ARG A 83 -13.27 8.88 9.00
C ARG A 83 -13.96 7.69 8.38
N GLU A 84 -13.36 7.21 7.28
CA GLU A 84 -13.76 5.95 6.69
C GLU A 84 -12.59 5.07 6.35
N VAL A 85 -12.75 3.80 6.69
CA VAL A 85 -11.85 2.73 6.25
C VAL A 85 -12.60 1.66 5.52
N ILE A 86 -12.20 1.40 4.29
CA ILE A 86 -12.62 0.19 3.57
C ILE A 86 -11.47 -0.83 3.48
N VAL A 87 -11.66 -2.03 4.07
CA VAL A 87 -10.68 -3.17 3.98
C VAL A 87 -10.97 -4.04 2.77
N ILE A 88 -9.95 -4.35 2.00
CA ILE A 88 -10.11 -5.28 0.89
C ILE A 88 -9.07 -6.36 0.94
N HIS A 89 -9.54 -7.56 1.29
CA HIS A 89 -8.81 -8.79 1.02
C HIS A 89 -9.38 -9.46 -0.22
N HIS A 90 -8.59 -10.33 -0.82
CA HIS A 90 -8.98 -10.90 -2.07
C HIS A 90 -8.74 -12.40 -2.06
N THR A 91 -9.25 -12.95 -3.13
CA THR A 91 -9.48 -14.34 -3.35
C THR A 91 -8.28 -14.79 -4.16
N ASP A 92 -7.67 -15.91 -3.81
CA ASP A 92 -6.40 -16.35 -4.43
C ASP A 92 -5.24 -15.49 -3.90
N CYS A 93 -5.35 -15.11 -2.61
CA CYS A 93 -4.27 -14.41 -1.92
C CYS A 93 -3.06 -15.28 -1.65
N GLY A 94 -1.87 -14.73 -1.93
CA GLY A 94 -0.57 -15.38 -1.66
C GLY A 94 -0.35 -15.74 -0.21
N MET A 95 -1.11 -15.09 0.66
CA MET A 95 -1.07 -15.31 2.11
C MET A 95 -1.87 -16.52 2.56
N LEU A 96 -2.66 -17.11 1.67
CA LEU A 96 -3.31 -18.39 1.94
C LEU A 96 -2.29 -19.53 1.80
N THR A 97 -1.21 -19.31 1.06
CA THR A 97 -0.40 -20.42 0.63
C THR A 97 0.75 -20.78 1.59
N PHE A 98 1.00 -19.99 2.63
CA PHE A 98 2.13 -20.31 3.51
C PHE A 98 2.01 -19.91 4.99
N ARG A 99 3.01 -20.34 5.75
CA ARG A 99 3.11 -20.07 7.16
C ARG A 99 4.43 -19.41 7.42
N SER A 100 4.53 -18.66 8.51
CA SER A 100 5.69 -17.77 8.71
C SER A 100 6.99 -18.54 8.86
N ASP A 101 6.93 -19.67 9.55
CA ASP A 101 8.10 -20.51 9.73
C ASP A 101 8.55 -21.09 8.40
N GLN A 102 7.61 -21.43 7.52
CA GLN A 102 7.98 -21.96 6.19
C GLN A 102 8.75 -20.90 5.42
N LEU A 103 8.24 -19.67 5.46
CA LEU A 103 8.92 -18.58 4.79
C LEU A 103 10.29 -18.30 5.39
N HIS A 104 10.36 -18.29 6.73
CA HIS A 104 11.63 -18.11 7.41
C HIS A 104 12.70 -19.07 6.87
N GLY A 105 12.37 -20.37 6.92
CA GLY A 105 13.27 -21.43 6.47
C GLY A 105 13.68 -21.32 5.01
N LEU A 106 12.83 -20.65 4.22
CA LEU A 106 13.08 -20.45 2.80
C LEU A 106 14.13 -19.40 2.60
N VAL A 107 13.85 -18.21 3.12
CA VAL A 107 14.73 -17.09 3.00
C VAL A 107 16.07 -17.44 3.62
N LYS A 108 16.03 -18.29 4.66
CA LYS A 108 17.26 -18.83 5.31
C LYS A 108 18.17 -19.58 4.35
N LYS A 109 17.54 -20.27 3.40
CA LYS A 109 18.26 -21.05 2.41
C LYS A 109 18.95 -20.19 1.33
N ARG A 110 18.67 -18.88 1.32
CA ARG A 110 19.14 -17.92 0.28
C ARG A 110 19.95 -16.74 0.81
N VAL A 111 20.38 -16.80 2.06
CA VAL A 111 21.06 -15.69 2.71
C VAL A 111 22.00 -16.27 3.74
N ALA A 112 23.08 -15.54 4.05
CA ALA A 112 24.09 -15.94 5.04
C ALA A 112 23.53 -16.05 6.47
N HIS A 113 24.16 -16.92 7.26
CA HIS A 113 23.68 -17.30 8.62
C HIS A 113 23.52 -16.08 9.50
N GLU A 114 24.40 -15.11 9.28
CA GLU A 114 24.38 -13.89 10.01
C GLU A 114 23.07 -13.07 9.88
N HIS A 115 22.17 -13.47 8.98
CA HIS A 115 20.89 -12.75 8.81
C HIS A 115 19.66 -13.57 9.20
N PHE A 116 19.86 -14.75 9.77
CA PHE A 116 18.78 -15.64 10.17
C PHE A 116 17.93 -14.99 11.27
N ALA A 117 18.62 -14.39 12.23
CA ALA A 117 18.01 -13.54 13.24
C ALA A 117 17.01 -12.53 12.67
N ALA A 118 17.36 -11.93 11.52
CA ALA A 118 16.52 -10.89 10.93
C ALA A 118 15.27 -11.52 10.35
N VAL A 119 15.45 -12.55 9.51
CA VAL A 119 14.31 -13.25 8.87
C VAL A 119 13.31 -13.69 9.94
N ASP A 120 13.85 -14.21 11.04
CA ASP A 120 13.07 -14.82 12.12
C ASP A 120 12.23 -13.81 12.88
N SER A 121 12.54 -12.53 12.73
CA SER A 121 11.75 -11.45 13.32
C SER A 121 10.56 -10.93 12.51
N LEU A 122 10.34 -11.45 11.31
CA LEU A 122 9.16 -11.09 10.50
C LEU A 122 7.89 -11.91 10.81
N ALA A 123 6.89 -11.27 11.38
CA ALA A 123 5.59 -11.91 11.43
C ALA A 123 5.02 -11.65 10.04
N CYS A 124 4.78 -12.72 9.29
CA CYS A 124 4.24 -12.59 7.94
C CYS A 124 2.77 -12.21 7.89
N LEU A 125 1.99 -12.59 8.91
CA LEU A 125 0.56 -12.25 8.96
C LEU A 125 -0.29 -13.01 7.90
N GLU A 126 0.11 -14.26 7.61
CA GLU A 126 -0.67 -15.20 6.79
C GLU A 126 -2.06 -15.46 7.38
N PHE A 127 -2.94 -16.00 6.54
CA PHE A 127 -4.26 -16.39 7.00
C PHE A 127 -4.74 -17.60 6.24
N PRO A 128 -5.59 -18.42 6.89
CA PRO A 128 -6.11 -19.58 6.23
C PRO A 128 -7.43 -19.29 5.48
N ASP A 129 -8.13 -18.22 5.82
CA ASP A 129 -9.46 -17.99 5.23
C ASP A 129 -9.58 -16.52 4.84
N VAL A 130 -10.08 -16.31 3.62
CA VAL A 130 -10.15 -14.95 3.08
C VAL A 130 -11.16 -14.14 3.83
N ASP A 131 -12.33 -14.71 4.08
CA ASP A 131 -13.40 -13.94 4.71
C ASP A 131 -13.17 -13.72 6.22
N GLU A 132 -12.77 -14.77 6.92
CA GLU A 132 -12.39 -14.61 8.34
C GLU A 132 -11.27 -13.59 8.53
N SER A 133 -10.35 -13.47 7.56
CA SER A 133 -9.27 -12.51 7.69
C SER A 133 -9.81 -11.09 7.57
N ILE A 134 -10.90 -10.97 6.79
CA ILE A 134 -11.58 -9.69 6.60
C ILE A 134 -12.35 -9.36 7.87
N LYS A 135 -13.19 -10.28 8.30
CA LYS A 135 -13.89 -10.12 9.58
C LYS A 135 -12.92 -9.72 10.69
N GLU A 136 -11.86 -10.51 10.86
CA GLU A 136 -10.83 -10.26 11.88
C GLU A 136 -10.21 -8.88 11.73
N ASP A 137 -9.78 -8.52 10.53
CA ASP A 137 -9.22 -7.16 10.34
C ASP A 137 -10.23 -6.01 10.56
N VAL A 138 -11.45 -6.17 10.11
CA VAL A 138 -12.45 -5.14 10.35
C VAL A 138 -12.64 -4.93 11.87
N ALA A 139 -12.98 -6.02 12.56
CA ALA A 139 -13.20 -6.02 14.01
C ALA A 139 -12.06 -5.34 14.76
N PHE A 140 -10.85 -5.82 14.48
CA PHE A 140 -9.63 -5.30 15.04
C PHE A 140 -9.64 -3.77 15.00
N LEU A 141 -9.92 -3.22 13.82
CA LEU A 141 -9.87 -1.78 13.60
C LEU A 141 -11.03 -1.11 14.29
N LYS A 142 -12.18 -1.78 14.26
CA LYS A 142 -13.36 -1.31 14.96
C LYS A 142 -13.17 -1.23 16.43
N ASN A 143 -12.15 -1.88 16.97
CA ASN A 143 -11.90 -1.74 18.41
C ASN A 143 -10.57 -1.16 18.76
N HIS A 144 -9.79 -0.80 17.76
CA HIS A 144 -8.49 -0.32 18.05
C HIS A 144 -8.58 1.10 18.60
N PRO A 145 -8.11 1.30 19.85
CA PRO A 145 -8.27 2.57 20.54
C PRO A 145 -7.57 3.74 19.84
N LEU A 146 -6.52 3.46 19.08
CA LEU A 146 -5.85 4.45 18.23
C LEU A 146 -6.58 4.82 16.94
N ILE A 147 -7.70 4.18 16.64
CA ILE A 147 -8.57 4.54 15.53
C ILE A 147 -9.71 5.32 16.14
N LEU A 148 -10.16 6.36 15.44
CA LEU A 148 -11.16 7.23 16.03
C LEU A 148 -12.50 6.52 16.18
N PRO A 149 -13.19 6.79 17.29
CA PRO A 149 -14.44 6.08 17.60
C PRO A 149 -15.60 6.28 16.57
N GLU A 150 -15.58 7.40 15.84
CA GLU A 150 -16.62 7.67 14.85
C GLU A 150 -16.34 7.00 13.47
N THR A 151 -15.23 6.30 13.33
CA THR A 151 -14.84 5.80 12.01
C THR A 151 -15.83 4.76 11.50
N VAL A 152 -16.30 4.93 10.26
CA VAL A 152 -17.07 3.84 9.60
C VAL A 152 -16.05 2.91 9.01
N ILE A 153 -16.27 1.62 9.23
CA ILE A 153 -15.32 0.61 8.81
C ILE A 153 -16.09 -0.53 8.15
N SER A 154 -15.62 -0.95 6.98
CA SER A 154 -16.22 -2.03 6.23
C SER A 154 -15.14 -2.85 5.57
N GLY A 155 -15.47 -4.09 5.25
CA GLY A 155 -14.53 -5.05 4.70
C GLY A 155 -15.14 -5.84 3.56
N TYR A 156 -14.37 -5.95 2.49
CA TYR A 156 -14.81 -6.54 1.24
C TYR A 156 -13.82 -7.55 0.76
N ARG A 157 -14.36 -8.65 0.21
CA ARG A 157 -13.61 -9.64 -0.54
C ARG A 157 -13.61 -9.20 -1.98
N TYR A 158 -12.48 -8.74 -2.46
CA TYR A 158 -12.30 -8.62 -3.89
C TYR A 158 -12.18 -10.00 -4.52
N GLU A 159 -13.03 -10.31 -5.50
CA GLU A 159 -12.91 -11.54 -6.28
C GLU A 159 -12.11 -11.34 -7.55
N VAL A 160 -10.94 -11.97 -7.63
CA VAL A 160 -10.03 -11.82 -8.77
C VAL A 160 -10.59 -12.45 -10.04
N GLU A 161 -11.59 -13.32 -9.85
CA GLU A 161 -12.29 -13.99 -10.96
C GLU A 161 -13.32 -13.05 -11.58
N THR A 162 -14.21 -12.48 -10.77
CA THR A 162 -15.26 -11.61 -11.28
C THR A 162 -14.89 -10.15 -11.34
N GLY A 163 -14.01 -9.71 -10.45
CA GLY A 163 -13.71 -8.28 -10.25
C GLY A 163 -14.67 -7.61 -9.26
N LYS A 164 -15.46 -8.43 -8.55
CA LYS A 164 -16.53 -7.94 -7.69
C LYS A 164 -15.97 -7.74 -6.29
N LEU A 165 -16.47 -6.71 -5.62
CA LEU A 165 -16.14 -6.47 -4.23
C LEU A 165 -17.38 -6.89 -3.51
N VAL A 166 -17.26 -7.81 -2.57
CA VAL A 166 -18.41 -8.41 -1.95
C VAL A 166 -18.40 -8.12 -0.46
N LYS A 167 -19.40 -7.38 0.00
CA LYS A 167 -19.49 -6.97 1.40
C LYS A 167 -19.45 -8.15 2.39
N ILE A 168 -18.41 -8.18 3.24
CA ILE A 168 -18.22 -9.23 4.25
C ILE A 168 -18.46 -8.72 5.67
N ALA A 169 -18.02 -7.49 5.94
CA ALA A 169 -18.34 -6.78 7.20
C ALA A 169 -18.26 -5.27 7.02
N MET B 1 -23.64 8.88 5.16
CA MET B 1 -23.00 7.79 5.97
C MET B 1 -21.57 7.45 5.47
N SER B 2 -21.41 6.92 4.26
CA SER B 2 -20.11 6.37 3.84
C SER B 2 -19.99 6.27 2.34
N TYR B 3 -18.74 6.21 1.87
CA TYR B 3 -18.48 5.98 0.47
C TYR B 3 -18.88 4.55 0.12
N ALA B 4 -18.71 3.66 1.09
CA ALA B 4 -18.95 2.23 0.91
C ALA B 4 -20.40 1.93 0.57
N GLU B 5 -21.32 2.55 1.33
CA GLU B 5 -22.76 2.39 1.13
C GLU B 5 -23.22 3.17 -0.12
N GLN B 6 -22.87 4.47 -0.20
CA GLN B 6 -23.43 5.34 -1.27
C GLN B 6 -22.86 5.14 -2.66
N SER B 7 -21.55 5.26 -2.82
CA SER B 7 -21.00 5.32 -4.15
C SER B 7 -20.39 4.03 -4.66
N LEU B 8 -19.97 3.12 -3.77
CA LEU B 8 -19.17 1.95 -4.19
C LEU B 8 -19.93 0.88 -4.99
N PRO B 9 -21.21 0.64 -4.64
CA PRO B 9 -21.91 -0.45 -5.31
C PRO B 9 -22.04 -0.29 -6.81
N ALA B 10 -22.33 0.92 -7.28
CA ALA B 10 -22.43 1.16 -8.72
C ALA B 10 -21.07 1.24 -9.39
N ALA B 11 -20.10 1.76 -8.66
CA ALA B 11 -18.75 1.99 -9.20
C ALA B 11 -18.08 0.68 -9.51
N ASN B 12 -18.33 -0.32 -8.67
CA ASN B 12 -17.79 -1.65 -8.90
C ASN B 12 -18.59 -2.35 -9.98
N GLU B 13 -19.92 -2.25 -9.91
CA GLU B 13 -20.78 -2.74 -10.99
C GLU B 13 -20.16 -2.33 -12.32
N ALA B 14 -19.80 -1.07 -12.45
CA ALA B 14 -19.19 -0.61 -13.68
C ALA B 14 -17.87 -1.34 -13.95
N TYR B 15 -17.00 -1.38 -12.95
CA TYR B 15 -15.68 -2.00 -13.09
C TYR B 15 -15.80 -3.46 -13.52
N VAL B 16 -16.82 -4.13 -12.99
CA VAL B 16 -17.16 -5.51 -13.32
C VAL B 16 -17.70 -5.59 -14.75
N ALA B 17 -18.63 -4.70 -15.11
CA ALA B 17 -19.15 -4.65 -16.48
C ALA B 17 -18.00 -4.41 -17.48
N ALA B 18 -17.02 -3.59 -17.12
CA ALA B 18 -15.79 -3.39 -17.95
C ALA B 18 -14.72 -4.49 -17.78
N PHE B 19 -14.96 -5.46 -16.89
CA PHE B 19 -13.94 -6.43 -16.49
C PHE B 19 -13.82 -7.37 -17.68
N GLY B 20 -12.77 -7.27 -18.48
CA GLY B 20 -12.80 -8.00 -19.76
C GLY B 20 -12.34 -9.41 -19.50
N ASP B 21 -11.13 -9.68 -19.94
CA ASP B 21 -10.48 -10.95 -19.68
C ASP B 21 -9.67 -11.00 -18.41
N LYS B 22 -9.77 -9.97 -17.60
CA LYS B 22 -8.97 -9.89 -16.39
C LYS B 22 -9.33 -10.97 -15.38
N GLY B 23 -10.47 -11.62 -15.59
CA GLY B 23 -10.87 -12.68 -14.68
C GLY B 23 -9.86 -13.77 -14.38
N SER B 24 -8.89 -13.95 -15.26
CA SER B 24 -8.08 -15.15 -15.28
C SER B 24 -6.60 -14.82 -15.21
N LEU B 25 -6.30 -13.67 -14.66
CA LEU B 25 -4.94 -13.33 -14.41
C LEU B 25 -4.56 -14.07 -13.14
N PRO B 26 -3.40 -14.71 -13.13
CA PRO B 26 -3.01 -15.44 -11.97
C PRO B 26 -2.21 -14.60 -10.95
N LEU B 27 -1.78 -15.28 -9.89
CA LEU B 27 -1.12 -14.66 -8.74
C LEU B 27 0.23 -13.94 -8.96
N PRO B 28 1.26 -14.62 -9.52
CA PRO B 28 2.56 -13.96 -9.58
C PRO B 28 2.52 -12.80 -10.54
N PRO B 29 3.06 -11.61 -10.17
CA PRO B 29 2.95 -10.45 -11.06
C PRO B 29 3.70 -10.62 -12.38
N GLY B 30 3.04 -10.32 -13.50
CA GLY B 30 3.64 -10.43 -14.82
C GLY B 30 4.97 -9.72 -15.09
N LYS B 31 5.10 -8.46 -14.65
CA LYS B 31 6.34 -7.69 -14.90
C LYS B 31 7.39 -7.85 -13.81
N ARG B 32 7.07 -8.66 -12.80
CA ARG B 32 8.03 -8.98 -11.75
C ARG B 32 8.46 -7.71 -11.04
N VAL B 33 7.49 -6.84 -10.77
CA VAL B 33 7.75 -5.52 -10.23
C VAL B 33 6.96 -5.31 -8.94
N ALA B 34 7.61 -4.68 -7.97
CA ALA B 34 6.95 -4.27 -6.77
C ALA B 34 7.05 -2.79 -6.70
N ILE B 35 5.91 -2.11 -6.68
CA ILE B 35 5.89 -0.65 -6.50
C ILE B 35 5.87 -0.37 -5.00
N VAL B 36 6.71 0.56 -4.55
CA VAL B 36 6.63 1.00 -3.19
C VAL B 36 6.34 2.48 -3.18
N GLY B 37 5.09 2.84 -2.91
CA GLY B 37 4.66 4.21 -3.06
C GLY B 37 3.97 4.76 -1.83
N CYS B 38 4.05 6.06 -1.66
CA CYS B 38 3.28 6.65 -0.62
C CYS B 38 1.79 6.42 -0.83
N MET B 39 1.02 6.51 0.25
CA MET B 39 -0.42 6.28 0.21
C MET B 39 -1.22 7.50 -0.28
N ASP B 40 -0.54 8.57 -0.68
CA ASP B 40 -1.17 9.85 -1.02
C ASP B 40 -2.27 9.67 -2.05
N ALA B 41 -3.41 10.29 -1.79
CA ALA B 41 -4.63 10.03 -2.54
C ALA B 41 -4.51 10.40 -4.00
N ARG B 42 -3.59 11.33 -4.29
CA ARG B 42 -3.42 11.87 -5.62
C ARG B 42 -2.57 11.02 -6.53
N LEU B 43 -2.06 9.89 -6.03
CA LEU B 43 -1.17 9.01 -6.79
C LEU B 43 -1.86 7.69 -7.07
N ASP B 44 -1.92 7.34 -8.34
CA ASP B 44 -2.41 6.07 -8.74
C ASP B 44 -1.23 5.38 -9.34
N THR B 45 -0.74 4.38 -8.63
CA THR B 45 0.41 3.59 -9.02
C THR B 45 0.14 2.64 -10.19
N PHE B 46 -1.11 2.56 -10.64
CA PHE B 46 -1.41 1.92 -11.93
C PHE B 46 -1.15 2.89 -13.07
N GLY B 47 -2.08 3.83 -13.23
CA GLY B 47 -2.07 4.81 -14.31
C GLY B 47 -0.86 5.71 -14.38
N ALA B 48 -0.37 6.20 -13.24
CA ALA B 48 0.83 7.06 -13.24
C ALA B 48 2.02 6.35 -13.89
N THR B 49 1.98 5.03 -13.88
CA THR B 49 3.05 4.25 -14.41
C THR B 49 2.48 3.04 -15.12
N GLY B 50 2.52 3.02 -16.46
CA GLY B 50 1.69 2.14 -17.30
C GLY B 50 1.26 0.74 -16.84
N LEU B 51 1.02 0.56 -15.56
CA LEU B 51 0.85 -0.77 -15.01
C LEU B 51 -0.64 -1.06 -14.94
N HIS B 52 -1.02 -2.24 -15.42
CA HIS B 52 -2.40 -2.70 -15.42
C HIS B 52 -2.54 -3.94 -14.60
N GLU B 53 -3.78 -4.38 -14.44
CA GLU B 53 -4.07 -5.52 -13.63
C GLU B 53 -3.16 -6.70 -13.92
N GLY B 54 -2.49 -7.20 -12.88
CA GLY B 54 -1.64 -8.38 -12.95
C GLY B 54 -0.16 -8.10 -13.17
N ASP B 55 0.19 -6.86 -13.46
CA ASP B 55 1.58 -6.55 -13.83
C ASP B 55 2.56 -6.48 -12.64
N ALA B 56 2.14 -5.81 -11.56
CA ALA B 56 3.08 -5.49 -10.48
C ALA B 56 2.41 -5.49 -9.14
N HIS B 57 3.21 -5.66 -8.10
CA HIS B 57 2.69 -5.53 -6.76
C HIS B 57 2.66 -4.08 -6.37
N HIS B 58 1.60 -3.70 -5.66
CA HIS B 58 1.44 -2.34 -5.18
C HIS B 58 1.45 -2.27 -3.67
N ILE B 59 2.62 -1.92 -3.13
CA ILE B 59 2.83 -1.75 -1.69
C ILE B 59 2.83 -0.24 -1.31
N ARG B 60 1.89 0.13 -0.48
CA ARG B 60 1.70 1.54 -0.18
C ARG B 60 1.47 1.79 1.32
N ASN B 61 2.19 2.79 1.84
CA ASN B 61 2.08 3.19 3.23
C ASN B 61 2.35 4.68 3.34
N ALA B 62 2.07 5.23 4.53
CA ALA B 62 2.32 6.64 4.82
C ALA B 62 3.76 6.95 4.49
N GLY B 63 3.99 7.84 3.54
CA GLY B 63 5.34 8.21 3.15
C GLY B 63 5.89 7.41 2.00
N GLY B 64 5.41 6.19 1.81
CA GLY B 64 5.98 5.31 0.83
C GLY B 64 7.30 4.73 1.30
N ARG B 65 7.38 4.40 2.58
CA ARG B 65 8.66 4.05 3.19
C ARG B 65 9.01 2.59 3.02
N ALA B 66 10.24 2.34 2.59
CA ALA B 66 10.81 1.01 2.37
C ALA B 66 10.77 0.14 3.60
N SER B 67 11.23 0.67 4.74
CA SER B 67 11.36 -0.14 5.97
C SER B 67 10.03 -0.75 6.28
N ASP B 68 8.99 0.06 6.17
CA ASP B 68 7.62 -0.35 6.46
C ASP B 68 7.10 -1.40 5.48
N ALA B 69 7.55 -1.26 4.24
CA ALA B 69 7.20 -2.07 3.09
C ALA B 69 8.01 -3.37 3.02
N LEU B 70 9.02 -3.50 3.87
CA LEU B 70 9.95 -4.59 3.76
C LEU B 70 9.32 -6.01 3.89
N ARG B 71 8.40 -6.16 4.82
CA ARG B 71 7.75 -7.45 5.02
C ARG B 71 6.99 -7.86 3.74
N SER B 72 6.32 -6.90 3.13
CA SER B 72 5.54 -7.14 1.91
C SER B 72 6.49 -7.50 0.80
N LEU B 73 7.67 -6.87 0.83
CA LEU B 73 8.66 -7.04 -0.23
C LEU B 73 9.30 -8.42 -0.17
N VAL B 74 9.62 -8.84 1.03
CA VAL B 74 10.16 -10.14 1.22
C VAL B 74 9.16 -11.16 0.68
N ILE B 75 7.89 -11.01 0.98
CA ILE B 75 6.88 -11.91 0.43
C ILE B 75 6.77 -11.81 -1.10
N SER B 76 6.70 -10.60 -1.63
CA SER B 76 6.64 -10.40 -3.09
C SER B 76 7.79 -11.12 -3.82
N GLN B 77 9.01 -10.94 -3.33
CA GLN B 77 10.21 -11.57 -3.93
C GLN B 77 10.29 -13.09 -3.79
N GLU B 78 10.27 -13.56 -2.54
CA GLU B 78 10.62 -14.95 -2.20
C GLU B 78 9.48 -15.93 -2.53
N LEU B 79 8.26 -15.41 -2.49
CA LEU B 79 7.08 -16.20 -2.75
C LEU B 79 6.55 -15.99 -4.17
N LEU B 80 6.63 -14.78 -4.70
CA LEU B 80 6.00 -14.48 -5.98
C LEU B 80 6.91 -13.93 -7.09
N GLY B 81 8.22 -14.16 -7.00
CA GLY B 81 9.14 -13.74 -8.07
C GLY B 81 8.92 -12.29 -8.51
N THR B 82 9.76 -11.40 -8.01
CA THR B 82 9.74 -10.02 -8.41
C THR B 82 11.17 -9.66 -8.19
N ARG B 83 11.80 -9.16 -9.22
CA ARG B 83 13.20 -8.84 -9.08
C ARG B 83 13.38 -7.40 -9.47
N GLU B 84 12.26 -6.67 -9.39
CA GLU B 84 12.30 -5.22 -9.51
C GLU B 84 11.49 -4.52 -8.45
N VAL B 85 12.09 -3.48 -7.89
CA VAL B 85 11.42 -2.53 -7.02
C VAL B 85 11.52 -1.13 -7.58
N ILE B 86 10.38 -0.50 -7.79
CA ILE B 86 10.31 0.94 -8.02
C ILE B 86 9.75 1.68 -6.77
N VAL B 87 10.55 2.57 -6.16
CA VAL B 87 10.10 3.42 -5.02
C VAL B 87 9.51 4.73 -5.54
N ILE B 88 8.37 5.12 -5.01
CA ILE B 88 7.82 6.41 -5.36
C ILE B 88 7.45 7.16 -4.09
N HIS B 89 8.24 8.20 -3.83
CA HIS B 89 7.82 9.27 -2.93
C HIS B 89 7.35 10.47 -3.74
N HIS B 90 6.56 11.32 -3.09
CA HIS B 90 5.94 12.40 -3.80
C HIS B 90 6.11 13.70 -3.05
N THR B 91 5.69 14.72 -3.77
CA THR B 91 5.95 16.11 -3.54
C THR B 91 4.69 16.60 -2.87
N ASP B 92 4.81 17.35 -1.79
CA ASP B 92 3.64 17.73 -0.94
C ASP B 92 3.20 16.49 -0.10
N CYS B 93 4.17 15.69 0.32
CA CYS B 93 3.94 14.57 1.25
C CYS B 93 3.59 15.03 2.67
N GLY B 94 2.56 14.38 3.24
CA GLY B 94 2.10 14.61 4.61
C GLY B 94 3.17 14.34 5.65
N MET B 95 4.17 13.58 5.24
CA MET B 95 5.30 13.21 6.09
C MET B 95 6.38 14.28 6.17
N LEU B 96 6.27 15.31 5.34
CA LEU B 96 7.11 16.49 5.47
C LEU B 96 6.61 17.39 6.65
N THR B 97 5.34 17.27 7.01
CA THR B 97 4.73 18.27 7.85
C THR B 97 4.80 18.00 9.36
N PHE B 98 5.31 16.84 9.78
CA PHE B 98 5.37 16.58 11.22
C PHE B 98 6.54 15.71 11.71
N ARG B 99 6.62 15.60 13.03
CA ARG B 99 7.59 14.77 13.71
C ARG B 99 6.87 13.79 14.61
N SER B 100 7.50 12.68 14.94
CA SER B 100 6.79 11.59 15.61
C SER B 100 6.27 11.96 16.99
N ASP B 101 7.07 12.73 17.73
CA ASP B 101 6.68 13.18 19.05
C ASP B 101 5.49 14.13 18.96
N GLN B 102 5.44 14.96 17.92
CA GLN B 102 4.28 15.87 17.72
C GLN B 102 3.01 15.05 17.54
N LEU B 103 3.10 14.02 16.70
CA LEU B 103 1.96 13.17 16.45
C LEU B 103 1.55 12.43 17.70
N HIS B 104 2.53 11.90 18.43
CA HIS B 104 2.27 11.22 19.70
C HIS B 104 1.42 12.06 20.63
N GLY B 105 1.89 13.29 20.90
CA GLY B 105 1.20 14.25 21.76
C GLY B 105 -0.19 14.62 21.29
N LEU B 106 -0.42 14.49 19.99
CA LEU B 106 -1.71 14.81 19.38
C LEU B 106 -2.71 13.72 19.69
N VAL B 107 -2.36 12.50 19.29
CA VAL B 107 -3.21 11.36 19.46
C VAL B 107 -3.47 11.17 20.95
N LYS B 108 -2.47 11.54 21.77
CA LYS B 108 -2.60 11.52 23.24
C LYS B 108 -3.75 12.39 23.74
N LYS B 109 -3.97 13.51 23.05
CA LYS B 109 -5.03 14.44 23.41
C LYS B 109 -6.42 13.94 23.07
N ARG B 110 -6.52 12.82 22.34
CA ARG B 110 -7.80 12.26 21.80
C ARG B 110 -8.10 10.84 22.23
N VAL B 111 -7.39 10.32 23.23
CA VAL B 111 -7.53 8.94 23.66
C VAL B 111 -7.18 8.91 25.13
N ALA B 112 -7.75 7.92 25.85
CA ALA B 112 -7.51 7.70 27.28
C ALA B 112 -6.04 7.37 27.63
N HIS B 113 -5.64 7.73 28.85
CA HIS B 113 -4.22 7.65 29.32
C HIS B 113 -3.68 6.23 29.16
N GLU B 114 -4.57 5.27 29.35
CA GLU B 114 -4.23 3.88 29.24
C GLU B 114 -3.70 3.47 27.84
N HIS B 115 -3.77 4.34 26.85
CA HIS B 115 -3.29 4.02 25.51
C HIS B 115 -2.08 4.85 25.06
N PHE B 116 -1.53 5.65 25.98
CA PHE B 116 -0.40 6.52 25.69
C PHE B 116 0.82 5.67 25.33
N ALA B 117 1.04 4.62 26.12
CA ALA B 117 2.02 3.58 25.85
C ALA B 117 1.98 3.08 24.39
N ALA B 118 0.77 2.91 23.86
CA ALA B 118 0.59 2.37 22.51
C ALA B 118 1.03 3.43 21.47
N VAL B 119 0.48 4.62 21.59
CA VAL B 119 0.82 5.74 20.71
C VAL B 119 2.34 5.92 20.61
N ASP B 120 2.98 5.86 21.78
CA ASP B 120 4.39 6.15 21.95
C ASP B 120 5.28 5.12 21.28
N SER B 121 4.71 3.97 20.96
CA SER B 121 5.45 2.92 20.25
C SER B 121 5.46 3.02 18.73
N LEU B 122 4.76 3.99 18.15
CA LEU B 122 4.77 4.20 16.69
C LEU B 122 5.92 5.05 16.17
N ALA B 123 6.86 4.47 15.43
CA ALA B 123 7.80 5.27 14.70
C ALA B 123 7.04 5.67 13.44
N CYS B 124 6.80 6.97 13.28
CA CYS B 124 6.04 7.48 12.12
C CYS B 124 6.82 7.47 10.81
N LEU B 125 8.14 7.58 10.89
CA LEU B 125 8.97 7.53 9.68
C LEU B 125 8.87 8.79 8.79
N GLU B 126 8.67 9.97 9.43
CA GLU B 126 8.70 11.28 8.77
C GLU B 126 10.03 11.52 8.09
N PHE B 127 10.02 12.50 7.19
CA PHE B 127 11.24 12.94 6.55
C PHE B 127 11.16 14.43 6.26
N PRO B 128 12.34 15.08 6.27
CA PRO B 128 12.38 16.49 5.96
C PRO B 128 12.55 16.79 4.45
N ASP B 129 13.02 15.85 3.66
CA ASP B 129 13.31 16.12 2.25
C ASP B 129 12.78 14.98 1.39
N VAL B 130 12.09 15.34 0.30
CA VAL B 130 11.44 14.34 -0.55
C VAL B 130 12.46 13.50 -1.29
N ASP B 131 13.47 14.14 -1.85
CA ASP B 131 14.43 13.40 -2.65
C ASP B 131 15.41 12.57 -1.78
N GLU B 132 15.91 13.18 -0.72
CA GLU B 132 16.74 12.43 0.23
C GLU B 132 16.03 11.20 0.80
N SER B 133 14.71 11.28 0.99
CA SER B 133 13.99 10.16 1.54
C SER B 133 13.93 9.04 0.51
N ILE B 134 13.96 9.44 -0.77
CA ILE B 134 13.99 8.50 -1.88
C ILE B 134 15.36 7.85 -1.96
N LYS B 135 16.40 8.68 -2.05
CA LYS B 135 17.77 8.19 -2.02
C LYS B 135 17.96 7.21 -0.86
N GLU B 136 17.59 7.64 0.34
CA GLU B 136 17.72 6.83 1.55
C GLU B 136 16.96 5.53 1.43
N ASP B 137 15.70 5.59 1.03
CA ASP B 137 14.94 4.31 0.84
C ASP B 137 15.50 3.40 -0.26
N VAL B 138 15.91 3.96 -1.38
CA VAL B 138 16.51 3.13 -2.41
C VAL B 138 17.77 2.40 -1.87
N ALA B 139 18.73 3.19 -1.38
CA ALA B 139 19.98 2.68 -0.79
C ALA B 139 19.76 1.56 0.21
N PHE B 140 18.90 1.86 1.19
CA PHE B 140 18.47 0.92 2.21
C PHE B 140 18.13 -0.44 1.61
N LEU B 141 17.27 -0.43 0.59
CA LEU B 141 16.80 -1.66 -0.04
C LEU B 141 17.92 -2.29 -0.85
N LYS B 142 18.72 -1.44 -1.51
CA LYS B 142 19.87 -1.90 -2.25
C LYS B 142 20.88 -2.58 -1.38
N ASN B 143 20.82 -2.41 -0.07
CA ASN B 143 21.75 -3.11 0.79
C ASN B 143 21.09 -4.04 1.78
N HIS B 144 19.78 -4.14 1.73
CA HIS B 144 19.11 -4.94 2.70
C HIS B 144 19.31 -6.40 2.36
N PRO B 145 19.95 -7.15 3.29
CA PRO B 145 20.35 -8.52 3.01
C PRO B 145 19.17 -9.45 2.73
N LEU B 146 18.00 -9.10 3.26
CA LEU B 146 16.75 -9.82 2.99
C LEU B 146 16.10 -9.53 1.65
N ILE B 147 16.66 -8.60 0.88
CA ILE B 147 16.26 -8.35 -0.50
C ILE B 147 17.25 -9.10 -1.36
N LEU B 148 16.80 -9.68 -2.45
CA LEU B 148 17.68 -10.49 -3.28
C LEU B 148 18.75 -9.65 -3.96
N PRO B 149 19.95 -10.19 -4.05
CA PRO B 149 21.09 -9.43 -4.59
C PRO B 149 20.95 -8.96 -6.08
N GLU B 150 20.15 -9.68 -6.86
CA GLU B 150 19.98 -9.33 -8.26
C GLU B 150 18.89 -8.28 -8.48
N THR B 151 18.24 -7.81 -7.42
CA THR B 151 17.08 -6.93 -7.59
C THR B 151 17.48 -5.61 -8.21
N VAL B 152 16.75 -5.20 -9.25
CA VAL B 152 16.89 -3.86 -9.80
C VAL B 152 16.03 -2.97 -8.93
N ILE B 153 16.60 -1.85 -8.50
CA ILE B 153 15.90 -0.94 -7.60
C ILE B 153 16.09 0.51 -8.07
N SER B 154 14.99 1.24 -8.13
CA SER B 154 14.99 2.63 -8.58
C SER B 154 14.00 3.42 -7.77
N GLY B 155 14.21 4.73 -7.74
CA GLY B 155 13.39 5.62 -6.92
C GLY B 155 13.04 6.89 -7.66
N TYR B 156 11.76 7.25 -7.54
CA TYR B 156 11.18 8.34 -8.30
C TYR B 156 10.41 9.25 -7.37
N ARG B 157 10.54 10.55 -7.65
CA ARG B 157 9.70 11.59 -7.09
C ARG B 157 8.49 11.76 -7.98
N TYR B 158 7.34 11.30 -7.52
CA TYR B 158 6.11 11.70 -8.16
C TYR B 158 5.85 13.18 -7.85
N GLU B 159 5.66 14.00 -8.90
CA GLU B 159 5.22 15.37 -8.73
C GLU B 159 3.71 15.52 -8.84
N VAL B 160 3.05 15.88 -7.74
CA VAL B 160 1.60 16.01 -7.67
C VAL B 160 1.09 17.19 -8.49
N GLU B 161 2.02 18.10 -8.84
CA GLU B 161 1.73 19.26 -9.69
C GLU B 161 1.69 18.87 -11.17
N THR B 162 2.72 18.20 -11.67
CA THR B 162 2.79 17.81 -13.08
C THR B 162 2.22 16.43 -13.38
N GLY B 163 2.28 15.53 -12.41
CA GLY B 163 1.96 14.10 -12.62
C GLY B 163 3.18 13.31 -13.10
N LYS B 164 4.36 13.91 -13.02
CA LYS B 164 5.58 13.35 -13.61
C LYS B 164 6.29 12.52 -12.56
N LEU B 165 6.92 11.45 -13.00
CA LEU B 165 7.75 10.64 -12.14
C LEU B 165 9.14 10.98 -12.57
N VAL B 166 9.96 11.43 -11.64
CA VAL B 166 11.26 11.96 -12.00
C VAL B 166 12.35 11.13 -11.35
N LYS B 167 13.17 10.47 -12.16
CA LYS B 167 14.21 9.58 -11.68
C LYS B 167 15.16 10.26 -10.69
N ILE B 168 15.21 9.77 -9.44
CA ILE B 168 16.09 10.29 -8.39
C ILE B 168 17.24 9.32 -8.06
N ALA B 169 16.94 8.02 -8.05
CA ALA B 169 17.96 6.96 -7.93
C ALA B 169 17.46 5.65 -8.53
S SO4 C . -2.15 -11.26 -1.92
O1 SO4 C . -2.78 -11.43 -3.22
O2 SO4 C . -2.35 -9.88 -1.58
O3 SO4 C . -0.67 -11.62 -1.98
O4 SO4 C . -2.93 -11.90 -0.86
S SO4 D . 2.08 11.32 1.53
O1 SO4 D . 2.52 10.31 0.60
O2 SO4 D . 1.12 12.20 0.86
O3 SO4 D . 3.40 11.93 1.74
O4 SO4 D . 1.33 11.01 2.83
#